data_5SCP
#
_entry.id   5SCP
#
_cell.length_a   30.170
_cell.length_b   66.680
_cell.length_c   75.030
_cell.angle_alpha   90.000
_cell.angle_beta   96.540
_cell.angle_gamma   90.000
#
_symmetry.space_group_name_H-M   'P 1 21 1'
#
loop_
_entity.id
_entity.type
_entity.pdbx_description
1 polymer 'Dihydrofolate reductase'
2 non-polymer 'NADP NICOTINAMIDE-ADENINE-DINUCLEOTIDE PHOSPHATE'
3 non-polymer 1,2-ETHANEDIOL
4 non-polymer 3-(2-{3-[(2,4-diamino-6-ethylpyrimidin-5-yl)oxy]propoxy}phenyl)propanamide
5 non-polymer 'CHLORIDE ION'
6 water water
#
_entity_poly.entity_id   1
_entity_poly.type   'polypeptide(L)'
_entity_poly.pdbx_seq_one_letter_code
;MGSSHHHHHHSSGLVPRGSHMVGLIWAQATSGVIGRGGDIPWRLPEDQAHFREITMGHTIVMGRRTWDSLPAKVRPLPGR
RNVVLSRQADFMASGAEVVGSLEEALTSPETWVIGGGQVYALALPYATRCEVTEVDIGLPREAGDALAPVLDETWRGETG
EWRFSRSGLRYRLYSYHRS
;
_entity_poly.pdbx_strand_id   A,B
#
loop_
_chem_comp.id
_chem_comp.type
_chem_comp.name
_chem_comp.formula
CL non-polymer 'CHLORIDE ION' 'Cl -1'
EDO non-polymer 1,2-ETHANEDIOL 'C2 H6 O2'
GWL non-polymer 3-(2-{3-[(2,4-diamino-6-ethylpyrimidin-5-yl)oxy]propoxy}phenyl)propanamide 'C18 H25 N5 O3'
NAP non-polymer 'NADP NICOTINAMIDE-ADENINE-DINUCLEOTIDE PHOSPHATE' 'C21 H28 N7 O17 P3'
#
# COMPACT_ATOMS: atom_id res chain seq x y z
N SER A 12 -6.60 12.82 -3.77
CA SER A 12 -6.52 11.95 -2.60
C SER A 12 -5.44 10.88 -2.79
N GLY A 13 -5.70 9.93 -3.68
CA GLY A 13 -4.75 8.87 -3.95
C GLY A 13 -4.71 7.77 -2.90
N LEU A 14 -5.72 7.72 -2.05
CA LEU A 14 -5.84 6.66 -1.05
C LEU A 14 -6.76 5.56 -1.55
N VAL A 15 -6.44 4.30 -1.23
CA VAL A 15 -7.30 3.20 -1.64
C VAL A 15 -7.13 2.11 -0.61
N PRO A 16 -8.15 1.93 0.24
CA PRO A 16 -8.12 0.90 1.26
C PRO A 16 -7.95 -0.45 0.62
N ARG A 17 -7.36 -1.40 1.34
CA ARG A 17 -7.12 -2.73 0.80
C ARG A 17 -7.53 -3.78 1.80
N GLY A 18 -7.87 -4.97 1.31
CA GLY A 18 -8.26 -6.06 2.18
C GLY A 18 -7.23 -7.16 2.25
N SER A 19 -7.69 -8.38 2.57
CA SER A 19 -6.80 -9.52 2.73
C SER A 19 -6.23 -9.96 1.39
N HIS A 20 -6.80 -9.44 0.31
CA HIS A 20 -6.26 -9.77 -0.98
C HIS A 20 -6.42 -8.53 -1.85
N MET A 21 -5.37 -8.16 -2.57
CA MET A 21 -5.46 -7.03 -3.49
C MET A 21 -5.08 -7.52 -4.87
N VAL A 22 -5.99 -7.40 -5.84
CA VAL A 22 -5.64 -7.73 -7.21
C VAL A 22 -5.80 -6.45 -7.99
N GLY A 23 -4.70 -5.94 -8.52
CA GLY A 23 -4.71 -4.73 -9.31
C GLY A 23 -4.40 -5.02 -10.77
N LEU A 24 -5.03 -4.26 -11.67
CA LEU A 24 -4.69 -4.28 -13.07
C LEU A 24 -4.04 -2.94 -13.40
N ILE A 25 -2.96 -2.98 -14.17
CA ILE A 25 -2.35 -1.72 -14.60
C ILE A 25 -2.06 -1.82 -16.07
N TRP A 26 -2.48 -0.79 -16.81
CA TRP A 26 -2.23 -0.74 -18.25
C TRP A 26 -2.19 0.70 -18.72
N ALA A 27 -1.67 0.86 -19.94
CA ALA A 27 -1.74 2.11 -20.65
C ALA A 27 -2.49 1.90 -21.96
N GLN A 28 -3.46 2.76 -22.24
CA GLN A 28 -4.30 2.60 -23.42
C GLN A 28 -4.39 3.86 -24.23
N ALA A 29 -4.58 3.68 -25.53
CA ALA A 29 -5.01 4.75 -26.40
C ALA A 29 -6.44 5.09 -26.06
N THR A 30 -6.92 6.23 -26.52
CA THR A 30 -8.30 6.59 -26.22
CA THR A 30 -8.30 6.63 -26.31
C THR A 30 -9.26 5.53 -26.77
N SER A 31 -8.90 4.86 -27.85
CA SER A 31 -9.75 3.85 -28.47
C SER A 31 -9.73 2.54 -27.69
N GLY A 32 -8.82 2.44 -26.74
CA GLY A 32 -8.67 1.23 -25.95
C GLY A 32 -7.62 0.27 -26.46
N VAL A 33 -6.93 0.63 -27.53
CA VAL A 33 -5.79 -0.16 -28.00
C VAL A 33 -4.66 -0.18 -26.96
N ILE A 34 -4.16 -1.35 -26.63
CA ILE A 34 -3.03 -1.42 -25.72
C ILE A 34 -1.86 -2.09 -26.38
N GLY A 35 -2.11 -2.79 -27.48
CA GLY A 35 -1.04 -3.57 -28.08
C GLY A 35 -1.25 -3.93 -29.54
N ARG A 36 -0.15 -3.98 -30.28
CA ARG A 36 -0.20 -4.49 -31.65
C ARG A 36 1.18 -4.87 -32.14
N GLY A 37 1.23 -5.93 -32.93
CA GLY A 37 2.46 -6.38 -33.53
C GLY A 37 3.43 -6.89 -32.50
N GLY A 38 2.91 -7.18 -31.31
CA GLY A 38 3.75 -7.64 -30.21
C GLY A 38 4.41 -6.54 -29.41
N ASP A 39 3.88 -5.32 -29.52
CA ASP A 39 4.50 -4.17 -28.88
C ASP A 39 3.42 -3.23 -28.40
N ILE A 40 3.81 -2.18 -27.66
CA ILE A 40 2.91 -1.08 -27.31
C ILE A 40 3.19 0.01 -28.34
N PRO A 41 2.16 0.49 -29.05
CA PRO A 41 2.42 1.32 -30.22
C PRO A 41 2.67 2.80 -29.91
N TRP A 42 3.29 3.11 -28.76
CA TRP A 42 3.73 4.48 -28.44
C TRP A 42 4.83 4.33 -27.38
N ARG A 43 5.57 5.39 -27.13
CA ARG A 43 6.48 5.41 -26.00
C ARG A 43 6.21 6.65 -25.18
N LEU A 44 6.16 6.46 -23.87
CA LEU A 44 5.78 7.50 -22.93
C LEU A 44 6.59 7.31 -21.68
N PRO A 45 7.67 8.08 -21.53
CA PRO A 45 8.59 7.85 -20.41
C PRO A 45 7.89 7.94 -19.06
N GLU A 46 6.99 8.90 -18.89
CA GLU A 46 6.32 9.06 -17.61
C GLU A 46 5.48 7.85 -17.27
N ASP A 47 4.98 7.15 -18.28
CA ASP A 47 4.19 5.96 -18.03
C ASP A 47 5.08 4.80 -17.65
N GLN A 48 6.26 4.69 -18.24
CA GLN A 48 7.17 3.64 -17.79
C GLN A 48 7.55 3.86 -16.33
N ALA A 49 7.81 5.10 -15.96
CA ALA A 49 8.17 5.46 -14.59
C ALA A 49 7.01 5.14 -13.64
N HIS A 50 5.79 5.44 -14.07
CA HIS A 50 4.62 5.18 -13.26
C HIS A 50 4.37 3.68 -13.09
N PHE A 51 4.39 2.96 -14.20
CA PHE A 51 4.28 1.52 -14.16
C PHE A 51 5.32 0.94 -13.20
N ARG A 52 6.55 1.40 -13.33
CA ARG A 52 7.64 0.86 -12.50
C ARG A 52 7.35 1.12 -11.01
N GLU A 53 7.00 2.35 -10.66
CA GLU A 53 6.89 2.67 -9.24
C GLU A 53 5.68 2.00 -8.58
N ILE A 54 4.58 1.87 -9.32
CA ILE A 54 3.40 1.20 -8.80
C ILE A 54 3.69 -0.28 -8.49
N THR A 55 4.39 -0.94 -9.39
CA THR A 55 4.54 -2.38 -9.33
C THR A 55 5.74 -2.84 -8.51
N MET A 56 6.68 -1.92 -8.25
CA MET A 56 7.95 -2.26 -7.61
C MET A 56 7.72 -2.96 -6.29
N GLY A 57 8.45 -4.06 -6.09
CA GLY A 57 8.38 -4.79 -4.84
C GLY A 57 7.20 -5.74 -4.73
N HIS A 58 6.37 -5.80 -5.77
CA HIS A 58 5.21 -6.68 -5.74
C HIS A 58 5.29 -7.85 -6.71
N THR A 59 4.37 -8.80 -6.54
CA THR A 59 4.20 -9.86 -7.52
C THR A 59 3.53 -9.29 -8.76
N ILE A 60 4.11 -9.57 -9.93
CA ILE A 60 3.45 -9.17 -11.14
C ILE A 60 3.09 -10.40 -11.96
N VAL A 61 1.90 -10.35 -12.53
CA VAL A 61 1.36 -11.46 -13.32
C VAL A 61 1.17 -10.98 -14.75
N MET A 62 1.65 -11.78 -15.71
CA MET A 62 1.49 -11.40 -17.10
C MET A 62 1.27 -12.62 -17.97
N GLY A 63 0.47 -12.47 -19.02
CA GLY A 63 0.40 -13.52 -20.00
C GLY A 63 1.71 -13.77 -20.73
N ARG A 64 1.80 -14.94 -21.35
CA ARG A 64 3.06 -15.31 -21.99
C ARG A 64 3.44 -14.34 -23.11
N ARG A 65 2.44 -13.84 -23.84
CA ARG A 65 2.74 -12.95 -24.95
C ARG A 65 3.32 -11.62 -24.41
N THR A 66 2.86 -11.20 -23.23
CA THR A 66 3.41 -10.00 -22.59
C THR A 66 4.85 -10.26 -22.13
N TRP A 67 5.11 -11.43 -21.58
CA TRP A 67 6.50 -11.80 -21.28
C TRP A 67 7.34 -11.72 -22.55
N ASP A 68 6.82 -12.27 -23.66
CA ASP A 68 7.52 -12.21 -24.95
C ASP A 68 7.81 -10.79 -25.39
N SER A 69 6.94 -9.84 -25.05
CA SER A 69 7.09 -8.48 -25.57
C SER A 69 8.05 -7.67 -24.74
N LEU A 70 8.48 -8.19 -23.60
CA LEU A 70 9.49 -7.49 -22.80
C LEU A 70 10.84 -7.57 -23.47
N PRO A 71 11.52 -6.41 -23.59
CA PRO A 71 12.79 -6.15 -24.27
C PRO A 71 13.94 -7.13 -24.01
N ALA A 72 13.75 -8.13 -23.14
CA ALA A 72 14.70 -9.24 -22.92
C ALA A 72 15.85 -8.91 -21.94
N LYS A 73 16.42 -7.72 -22.10
CA LYS A 73 17.40 -7.21 -21.13
C LYS A 73 16.70 -6.81 -19.85
N VAL A 74 15.38 -6.64 -19.94
CA VAL A 74 14.57 -6.26 -18.81
C VAL A 74 13.67 -7.44 -18.42
N ARG A 75 14.04 -8.63 -18.85
CA ARG A 75 13.41 -9.86 -18.35
C ARG A 75 14.30 -10.58 -17.36
N PRO A 76 13.74 -11.03 -16.22
CA PRO A 76 12.43 -10.65 -15.68
C PRO A 76 12.49 -9.21 -15.22
N LEU A 77 11.35 -8.57 -15.01
CA LEU A 77 11.38 -7.17 -14.58
C LEU A 77 11.97 -7.09 -13.20
N PRO A 78 12.98 -6.23 -13.02
CA PRO A 78 13.78 -6.24 -11.79
C PRO A 78 12.97 -5.79 -10.58
N GLY A 79 13.26 -6.39 -9.43
CA GLY A 79 12.66 -5.98 -8.17
C GLY A 79 11.22 -6.40 -7.92
N ARG A 80 10.69 -7.25 -8.81
CA ARG A 80 9.34 -7.79 -8.69
C ARG A 80 9.31 -9.31 -8.92
N ARG A 81 8.40 -10.00 -8.25
CA ARG A 81 8.24 -11.44 -8.48
C ARG A 81 7.46 -11.66 -9.77
N ASN A 82 8.15 -12.09 -10.83
CA ASN A 82 7.55 -12.20 -12.17
C ASN A 82 6.80 -13.53 -12.29
N VAL A 83 5.52 -13.46 -12.62
CA VAL A 83 4.69 -14.66 -12.79
C VAL A 83 4.13 -14.67 -14.22
N VAL A 84 4.44 -15.74 -14.97
CA VAL A 84 4.03 -15.82 -16.39
C VAL A 84 2.93 -16.86 -16.51
N LEU A 85 1.78 -16.43 -17.01
CA LEU A 85 0.67 -17.36 -17.22
C LEU A 85 0.80 -17.98 -18.62
N SER A 86 0.86 -19.33 -18.69
CA SER A 86 1.00 -20.04 -19.95
C SER A 86 0.39 -21.43 -19.84
N ARG A 87 -0.05 -22.00 -20.95
CA ARG A 87 -0.49 -23.39 -20.94
C ARG A 87 0.64 -24.32 -21.40
N GLN A 88 1.81 -23.74 -21.68
CA GLN A 88 2.98 -24.53 -22.07
C GLN A 88 3.74 -24.97 -20.86
N ALA A 89 3.62 -26.24 -20.49
CA ALA A 89 4.23 -26.66 -19.24
C ALA A 89 5.75 -26.51 -19.30
N ASP A 90 6.33 -26.67 -20.49
CA ASP A 90 7.79 -26.58 -20.60
C ASP A 90 8.28 -25.20 -20.97
N PHE A 91 7.44 -24.17 -20.82
CA PHE A 91 7.87 -22.83 -21.18
C PHE A 91 9.07 -22.36 -20.36
N MET A 92 10.09 -21.85 -21.04
CA MET A 92 11.25 -21.36 -20.33
C MET A 92 11.09 -19.87 -20.10
N ALA A 93 10.96 -19.46 -18.85
CA ALA A 93 10.99 -18.03 -18.55
C ALA A 93 12.02 -17.80 -17.46
N SER A 94 13.25 -17.56 -17.90
CA SER A 94 14.38 -17.41 -17.00
C SER A 94 14.17 -16.31 -15.96
N GLY A 95 14.24 -16.68 -14.69
CA GLY A 95 14.13 -15.72 -13.62
C GLY A 95 12.70 -15.41 -13.23
N ALA A 96 11.75 -16.12 -13.85
CA ALA A 96 10.33 -16.00 -13.52
C ALA A 96 9.78 -17.36 -13.11
N GLU A 97 8.51 -17.39 -12.78
CA GLU A 97 7.83 -18.68 -12.55
C GLU A 97 6.69 -18.75 -13.56
N VAL A 98 6.35 -19.96 -13.98
CA VAL A 98 5.30 -20.19 -14.95
C VAL A 98 4.17 -20.91 -14.24
N VAL A 99 2.95 -20.40 -14.40
CA VAL A 99 1.78 -20.99 -13.80
C VAL A 99 0.78 -21.31 -14.90
N GLY A 100 0.00 -22.36 -14.69
CA GLY A 100 -0.84 -22.89 -15.74
C GLY A 100 -2.29 -22.51 -15.63
N SER A 101 -2.62 -21.70 -14.64
CA SER A 101 -4.00 -21.27 -14.46
C SER A 101 -4.06 -19.93 -13.76
N LEU A 102 -5.15 -19.21 -13.98
CA LEU A 102 -5.32 -17.89 -13.39
C LEU A 102 -5.45 -17.99 -11.89
N GLU A 103 -6.09 -19.06 -11.41
CA GLU A 103 -6.27 -19.24 -9.97
C GLU A 103 -4.93 -19.21 -9.23
N GLU A 104 -3.96 -20.00 -9.70
CA GLU A 104 -2.65 -20.04 -9.07
C GLU A 104 -1.90 -18.72 -9.23
N ALA A 105 -2.08 -18.08 -10.38
CA ALA A 105 -1.42 -16.80 -10.64
C ALA A 105 -1.81 -15.72 -9.63
N LEU A 106 -3.04 -15.75 -9.14
CA LEU A 106 -3.53 -14.69 -8.27
C LEU A 106 -3.46 -15.07 -6.79
N THR A 107 -2.58 -15.98 -6.43
CA THR A 107 -2.52 -16.42 -5.04
C THR A 107 -1.68 -15.49 -4.14
N SER A 108 -0.76 -14.70 -4.71
CA SER A 108 -0.05 -13.70 -3.90
C SER A 108 -1.05 -12.73 -3.33
N PRO A 109 -0.92 -12.40 -2.05
CA PRO A 109 -1.86 -11.49 -1.38
C PRO A 109 -2.04 -10.13 -2.09
N GLU A 110 -0.96 -9.62 -2.66
CA GLU A 110 -1.02 -8.42 -3.50
C GLU A 110 -0.41 -8.81 -4.85
N THR A 111 -1.22 -8.65 -5.89
CA THR A 111 -0.80 -8.99 -7.24
C THR A 111 -1.15 -7.84 -8.18
N TRP A 112 -0.21 -7.47 -9.05
CA TRP A 112 -0.53 -6.57 -10.15
C TRP A 112 -0.50 -7.36 -11.45
N VAL A 113 -1.62 -7.36 -12.17
CA VAL A 113 -1.70 -7.93 -13.50
C VAL A 113 -1.22 -6.87 -14.47
N ILE A 114 -0.18 -7.19 -15.24
CA ILE A 114 0.48 -6.18 -16.06
C ILE A 114 0.27 -6.44 -17.55
N GLY A 115 -0.62 -7.36 -17.89
CA GLY A 115 -0.98 -7.63 -19.28
C GLY A 115 -1.05 -9.10 -19.64
N GLY A 116 -1.49 -9.43 -20.86
CA GLY A 116 -1.98 -8.45 -21.83
C GLY A 116 -3.48 -8.45 -21.96
N GLY A 117 -4.01 -8.25 -23.17
CA GLY A 117 -5.47 -8.18 -23.34
C GLY A 117 -6.23 -9.40 -22.78
N GLN A 118 -5.71 -10.59 -23.07
CA GLN A 118 -6.34 -11.82 -22.61
C GLN A 118 -6.39 -11.88 -21.10
N VAL A 119 -5.26 -11.58 -20.46
CA VAL A 119 -5.20 -11.79 -19.02
C VAL A 119 -5.99 -10.71 -18.31
N TYR A 120 -5.98 -9.46 -18.80
CA TYR A 120 -6.84 -8.45 -18.18
C TYR A 120 -8.30 -8.89 -18.15
N ALA A 121 -8.78 -9.42 -19.26
CA ALA A 121 -10.19 -9.83 -19.36
C ALA A 121 -10.53 -10.88 -18.31
N LEU A 122 -9.67 -11.88 -18.22
CA LEU A 122 -9.88 -13.00 -17.30
C LEU A 122 -9.77 -12.57 -15.84
N ALA A 123 -8.83 -11.67 -15.57
CA ALA A 123 -8.58 -11.28 -14.18
C ALA A 123 -9.55 -10.23 -13.68
N LEU A 124 -10.18 -9.49 -14.59
CA LEU A 124 -11.02 -8.35 -14.20
C LEU A 124 -12.06 -8.64 -13.09
N PRO A 125 -12.74 -9.79 -13.15
CA PRO A 125 -13.77 -10.00 -12.11
C PRO A 125 -13.23 -10.05 -10.68
N TYR A 126 -11.93 -10.28 -10.54
CA TYR A 126 -11.32 -10.37 -9.21
C TYR A 126 -10.63 -9.06 -8.79
N ALA A 127 -10.54 -8.11 -9.72
CA ALA A 127 -9.75 -6.92 -9.51
C ALA A 127 -10.45 -5.91 -8.61
N THR A 128 -9.68 -5.24 -7.74
CA THR A 128 -10.20 -4.16 -6.89
C THR A 128 -9.53 -2.79 -7.15
N ARG A 129 -8.53 -2.77 -8.04
CA ARG A 129 -7.90 -1.52 -8.49
C ARG A 129 -7.58 -1.65 -9.94
N CYS A 130 -7.74 -0.55 -10.68
CA CYS A 130 -7.24 -0.45 -12.04
C CYS A 130 -6.45 0.84 -12.07
N GLU A 131 -5.19 0.74 -12.48
CA GLU A 131 -4.36 1.93 -12.60
C GLU A 131 -4.16 2.16 -14.09
N VAL A 132 -4.80 3.18 -14.64
CA VAL A 132 -4.88 3.27 -16.09
C VAL A 132 -4.26 4.56 -16.57
N THR A 133 -3.33 4.45 -17.51
CA THR A 133 -2.78 5.64 -18.18
C THR A 133 -3.54 5.79 -19.49
N GLU A 134 -4.22 6.92 -19.66
CA GLU A 134 -4.87 7.21 -20.94
C GLU A 134 -3.93 8.08 -21.74
N VAL A 135 -3.55 7.56 -22.90
CA VAL A 135 -2.69 8.23 -23.83
C VAL A 135 -3.57 8.84 -24.91
N ASP A 136 -3.50 10.16 -25.05
CA ASP A 136 -4.35 10.89 -25.97
C ASP A 136 -3.82 10.71 -27.38
N ILE A 137 -3.98 9.51 -27.91
CA ILE A 137 -3.50 9.21 -29.24
C ILE A 137 -4.66 8.54 -29.98
N GLY A 138 -4.91 9.00 -31.20
CA GLY A 138 -6.09 8.59 -31.92
C GLY A 138 -5.86 7.35 -32.77
N LEU A 139 -5.14 6.37 -32.22
CA LEU A 139 -5.00 5.09 -32.89
C LEU A 139 -6.32 4.32 -32.90
N PRO A 140 -6.86 4.05 -34.10
CA PRO A 140 -8.11 3.29 -34.13
C PRO A 140 -7.87 1.81 -33.92
N ARG A 141 -8.89 1.09 -33.49
CA ARG A 141 -8.77 -0.36 -33.29
C ARG A 141 -8.60 -1.01 -34.65
N GLU A 142 -7.63 -1.90 -34.76
CA GLU A 142 -7.36 -2.59 -36.02
C GLU A 142 -7.45 -4.08 -35.77
N ALA A 143 -7.52 -4.88 -36.84
CA ALA A 143 -7.53 -6.34 -36.73
C ALA A 143 -6.29 -6.80 -35.98
N GLY A 144 -6.47 -7.65 -34.98
CA GLY A 144 -5.34 -8.20 -34.27
C GLY A 144 -4.89 -7.44 -33.03
N ASP A 145 -5.43 -6.23 -32.82
CA ASP A 145 -5.03 -5.41 -31.67
C ASP A 145 -5.38 -6.09 -30.37
N ALA A 146 -4.54 -5.84 -29.36
CA ALA A 146 -4.89 -6.15 -27.99
C ALA A 146 -5.63 -4.95 -27.45
N LEU A 147 -6.66 -5.22 -26.66
CA LEU A 147 -7.59 -4.19 -26.20
C LEU A 147 -7.73 -4.17 -24.69
N ALA A 148 -7.89 -2.97 -24.16
CA ALA A 148 -8.16 -2.78 -22.74
C ALA A 148 -9.59 -3.16 -22.40
N PRO A 149 -9.80 -3.65 -21.18
CA PRO A 149 -11.16 -3.90 -20.75
C PRO A 149 -11.98 -2.61 -20.66
N VAL A 150 -13.27 -2.76 -20.82
CA VAL A 150 -14.20 -1.67 -20.60
C VAL A 150 -14.62 -1.71 -19.14
N LEU A 151 -14.41 -0.62 -18.42
CA LEU A 151 -14.75 -0.58 -17.01
C LEU A 151 -16.17 -0.08 -16.83
N ASP A 152 -17.01 -0.83 -16.12
CA ASP A 152 -18.36 -0.36 -15.81
C ASP A 152 -18.35 0.54 -14.58
N GLU A 153 -19.55 0.90 -14.10
CA GLU A 153 -19.64 1.92 -13.08
C GLU A 153 -19.56 1.30 -11.67
N THR A 154 -19.15 0.05 -11.55
CA THR A 154 -18.78 -0.45 -10.22
C THR A 154 -17.42 0.18 -9.85
N TRP A 155 -16.68 0.58 -10.86
CA TRP A 155 -15.38 1.25 -10.68
C TRP A 155 -15.53 2.73 -10.34
N ARG A 156 -14.78 3.17 -9.35
CA ARG A 156 -14.84 4.57 -8.95
C ARG A 156 -13.45 5.04 -8.62
N GLY A 157 -13.23 6.34 -8.61
CA GLY A 157 -11.91 6.82 -8.24
C GLY A 157 -11.66 8.21 -8.76
N GLU A 158 -10.41 8.45 -9.11
CA GLU A 158 -9.96 9.80 -9.45
C GLU A 158 -9.35 9.87 -10.83
N THR A 159 -9.59 10.98 -11.50
CA THR A 159 -9.03 11.22 -12.84
C THR A 159 -8.04 12.37 -12.72
N GLY A 160 -6.80 12.12 -13.10
CA GLY A 160 -5.80 13.15 -13.13
C GLY A 160 -5.97 14.12 -14.31
N GLU A 161 -5.26 15.23 -14.22
CA GLU A 161 -5.30 16.23 -15.27
C GLU A 161 -4.52 15.74 -16.49
N TRP A 162 -4.85 16.26 -17.66
CA TRP A 162 -4.00 16.06 -18.84
C TRP A 162 -2.61 16.64 -18.60
N ARG A 163 -1.57 15.94 -19.05
CA ARG A 163 -0.20 16.37 -18.93
C ARG A 163 0.48 16.16 -20.27
N PHE A 164 1.44 17.00 -20.62
CA PHE A 164 2.29 16.76 -21.79
C PHE A 164 3.59 16.10 -21.36
N SER A 165 4.00 15.06 -22.10
CA SER A 165 5.36 14.55 -22.02
C SER A 165 6.23 15.54 -22.82
N ARG A 166 7.54 15.55 -22.57
CA ARG A 166 8.41 16.54 -23.22
C ARG A 166 8.37 16.37 -24.73
N SER A 167 8.11 15.13 -25.15
CA SER A 167 7.87 14.84 -26.56
C SER A 167 6.67 15.58 -27.10
N GLY A 168 5.73 15.95 -26.22
CA GLY A 168 4.49 16.56 -26.69
C GLY A 168 3.30 15.63 -26.65
N LEU A 169 3.54 14.34 -26.35
CA LEU A 169 2.44 13.37 -26.23
C LEU A 169 1.62 13.67 -24.96
N ARG A 170 0.30 13.74 -25.10
CA ARG A 170 -0.54 14.07 -23.94
C ARG A 170 -1.11 12.81 -23.29
N TYR A 171 -1.24 12.81 -21.97
CA TYR A 171 -1.68 11.61 -21.28
C TYR A 171 -2.29 12.04 -19.95
N ARG A 172 -3.04 11.13 -19.34
CA ARG A 172 -3.50 11.36 -17.97
C ARG A 172 -3.63 10.02 -17.24
N LEU A 173 -3.72 10.12 -15.93
CA LEU A 173 -3.79 8.93 -15.10
C LEU A 173 -5.18 8.77 -14.49
N TYR A 174 -5.77 7.58 -14.58
CA TYR A 174 -6.98 7.24 -13.85
C TYR A 174 -6.59 6.26 -12.77
N SER A 175 -7.04 6.48 -11.54
CA SER A 175 -6.81 5.52 -10.47
CA SER A 175 -6.82 5.51 -10.47
C SER A 175 -8.18 5.04 -9.98
N TYR A 176 -8.62 3.90 -10.49
CA TYR A 176 -9.90 3.31 -10.11
C TYR A 176 -9.79 2.27 -9.01
N HIS A 177 -10.84 2.13 -8.21
CA HIS A 177 -10.91 1.04 -7.24
C HIS A 177 -12.35 0.61 -7.05
N ARG A 178 -12.55 -0.53 -6.38
CA ARG A 178 -13.88 -0.92 -5.97
C ARG A 178 -13.74 -1.82 -4.77
N SER A 179 -14.85 -2.10 -4.11
CA SER A 179 -14.82 -2.87 -2.86
C SER A 179 -14.44 -4.32 -3.11
N LEU B 14 12.87 4.96 -2.23
CA LEU B 14 12.00 3.88 -1.77
C LEU B 14 10.50 4.27 -1.81
N VAL B 15 10.11 5.35 -1.13
CA VAL B 15 8.70 5.80 -1.18
C VAL B 15 8.50 6.84 -2.29
N PRO B 16 7.70 6.52 -3.31
CA PRO B 16 7.42 7.51 -4.37
C PRO B 16 6.72 8.72 -3.76
N ARG B 17 7.03 9.92 -4.21
CA ARG B 17 6.56 11.08 -3.44
C ARG B 17 5.07 11.35 -3.67
N GLY B 18 4.53 10.76 -4.72
CA GLY B 18 3.12 10.93 -5.02
C GLY B 18 2.25 9.89 -4.37
N SER B 19 2.88 8.93 -3.69
CA SER B 19 2.11 7.91 -3.00
C SER B 19 1.84 8.37 -1.58
N HIS B 20 1.17 7.52 -0.81
CA HIS B 20 0.93 7.83 0.58
C HIS B 20 1.26 6.62 1.41
N MET B 21 2.53 6.47 1.77
CA MET B 21 2.94 5.37 2.63
C MET B 21 2.37 5.62 4.00
N VAL B 22 1.62 4.67 4.52
CA VAL B 22 1.07 4.82 5.85
C VAL B 22 1.73 3.74 6.68
N GLY B 23 2.42 4.13 7.75
CA GLY B 23 2.94 3.14 8.69
C GLY B 23 2.16 3.18 10.00
N LEU B 24 2.04 2.01 10.65
CA LEU B 24 1.47 1.94 11.99
C LEU B 24 2.62 1.62 12.92
N ILE B 25 2.65 2.27 14.07
CA ILE B 25 3.68 1.93 15.06
C ILE B 25 3.03 1.80 16.44
N TRP B 26 3.32 0.70 17.13
CA TRP B 26 2.73 0.46 18.45
C TRP B 26 3.60 -0.50 19.25
N ALA B 27 3.38 -0.52 20.56
CA ALA B 27 4.01 -1.48 21.45
C ALA B 27 2.87 -2.30 22.06
N GLN B 28 2.98 -3.62 22.04
CA GLN B 28 1.92 -4.47 22.60
C GLN B 28 2.47 -5.52 23.54
N ALA B 29 1.64 -5.92 24.50
CA ALA B 29 1.92 -7.17 25.24
C ALA B 29 1.73 -8.33 24.28
N THR B 30 2.23 -9.51 24.67
CA THR B 30 2.11 -10.70 23.84
CA THR B 30 2.12 -10.68 23.81
C THR B 30 0.67 -10.95 23.40
N SER B 31 -0.28 -10.62 24.28
CA SER B 31 -1.69 -10.88 24.03
C SER B 31 -2.33 -9.93 23.02
N GLY B 32 -1.60 -8.88 22.68
CA GLY B 32 -2.14 -7.83 21.84
C GLY B 32 -2.62 -6.59 22.59
N VAL B 33 -2.66 -6.66 23.93
CA VAL B 33 -3.04 -5.46 24.68
C VAL B 33 -2.05 -4.30 24.42
N ILE B 34 -2.59 -3.11 24.11
CA ILE B 34 -1.76 -1.91 24.01
C ILE B 34 -2.16 -0.81 24.98
N GLY B 35 -3.37 -0.87 25.52
CA GLY B 35 -3.86 0.20 26.37
C GLY B 35 -4.86 -0.30 27.39
N ARG B 36 -4.87 0.33 28.56
CA ARG B 36 -5.81 -0.02 29.62
C ARG B 36 -5.95 1.20 30.52
N GLY B 37 -7.18 1.59 30.81
CA GLY B 37 -7.44 2.65 31.77
C GLY B 37 -6.95 4.01 31.31
N GLY B 38 -6.87 4.17 30.00
CA GLY B 38 -6.42 5.41 29.40
C GLY B 38 -4.91 5.56 29.43
N ASP B 39 -4.21 4.46 29.64
CA ASP B 39 -2.76 4.48 29.80
C ASP B 39 -2.14 3.30 29.07
N ILE B 40 -0.82 3.26 28.97
CA ILE B 40 -0.11 2.06 28.52
C ILE B 40 0.26 1.30 29.80
N PRO B 41 -0.11 0.01 29.90
CA PRO B 41 0.07 -0.65 31.19
C PRO B 41 1.47 -1.23 31.39
N TRP B 42 2.50 -0.54 30.91
CA TRP B 42 3.88 -0.88 31.26
C TRP B 42 4.68 0.39 31.00
N ARG B 43 5.93 0.40 31.42
CA ARG B 43 6.83 1.48 31.06
C ARG B 43 8.08 0.86 30.49
N LEU B 44 8.52 1.39 29.35
CA LEU B 44 9.65 0.81 28.64
C LEU B 44 10.41 1.94 27.94
N PRO B 45 11.40 2.53 28.63
CA PRO B 45 12.08 3.67 28.01
C PRO B 45 12.72 3.33 26.67
N GLU B 46 13.21 2.10 26.51
CA GLU B 46 13.82 1.72 25.24
C GLU B 46 12.79 1.81 24.11
N ASP B 47 11.55 1.48 24.41
CA ASP B 47 10.50 1.60 23.39
C ASP B 47 10.16 3.05 23.09
N GLN B 48 10.17 3.88 24.13
CA GLN B 48 9.91 5.30 23.92
C GLN B 48 10.95 5.90 22.96
N ALA B 49 12.21 5.53 23.17
CA ALA B 49 13.30 6.01 22.30
C ALA B 49 13.15 5.52 20.86
N HIS B 50 12.74 4.27 20.73
CA HIS B 50 12.51 3.65 19.45
C HIS B 50 11.38 4.36 18.69
N PHE B 51 10.29 4.60 19.40
CA PHE B 51 9.13 5.30 18.84
C PHE B 51 9.53 6.66 18.31
N ARG B 52 10.29 7.37 19.12
CA ARG B 52 10.81 8.68 18.79
C ARG B 52 11.70 8.62 17.54
N GLU B 53 12.55 7.61 17.46
CA GLU B 53 13.47 7.49 16.32
C GLU B 53 12.75 7.22 15.02
N ILE B 54 11.75 6.35 15.05
CA ILE B 54 11.02 5.99 13.84
C ILE B 54 10.21 7.16 13.31
N THR B 55 9.53 7.85 14.22
CA THR B 55 8.54 8.83 13.82
C THR B 55 9.14 10.22 13.57
N MET B 56 10.37 10.46 14.06
CA MET B 56 10.95 11.80 13.96
C MET B 56 10.97 12.30 12.53
N GLY B 57 10.56 13.54 12.31
CA GLY B 57 10.60 14.12 10.97
C GLY B 57 9.44 13.74 10.07
N HIS B 58 8.46 13.04 10.63
CA HIS B 58 7.29 12.64 9.85
C HIS B 58 5.98 13.19 10.39
N THR B 59 4.98 13.24 9.54
CA THR B 59 3.61 13.46 10.01
C THR B 59 3.19 12.28 10.87
N ILE B 60 2.59 12.55 12.03
CA ILE B 60 2.05 11.50 12.89
C ILE B 60 0.58 11.76 13.11
N VAL B 61 -0.18 10.67 13.15
CA VAL B 61 -1.62 10.76 13.26
C VAL B 61 -2.04 9.98 14.52
N MET B 62 -2.86 10.59 15.36
CA MET B 62 -3.30 9.93 16.60
C MET B 62 -4.76 10.20 16.88
N GLY B 63 -5.43 9.28 17.57
CA GLY B 63 -6.79 9.57 18.01
C GLY B 63 -6.82 10.57 19.15
N ARG B 64 -7.96 11.22 19.33
CA ARG B 64 -8.08 12.24 20.38
C ARG B 64 -7.76 11.66 21.77
N ARG B 65 -8.15 10.41 22.03
CA ARG B 65 -7.87 9.85 23.34
C ARG B 65 -6.36 9.74 23.57
N THR B 66 -5.64 9.38 22.51
CA THR B 66 -4.18 9.26 22.62
C THR B 66 -3.52 10.64 22.80
N TRP B 67 -3.99 11.66 22.09
CA TRP B 67 -3.54 13.03 22.37
C TRP B 67 -3.75 13.40 23.84
N ASP B 68 -4.94 13.10 24.38
CA ASP B 68 -5.24 13.43 25.77
C ASP B 68 -4.31 12.73 26.75
N SER B 69 -3.77 11.59 26.32
CA SER B 69 -2.93 10.79 27.21
C SER B 69 -1.52 11.36 27.31
N LEU B 70 -1.16 12.24 26.38
CA LEU B 70 0.14 12.90 26.42
C LEU B 70 0.16 14.06 27.40
N PRO B 71 1.19 14.15 28.25
CA PRO B 71 1.31 15.32 29.13
C PRO B 71 1.33 16.64 28.36
N ALA B 72 0.84 17.72 28.99
CA ALA B 72 0.73 19.00 28.31
C ALA B 72 2.10 19.49 27.83
N LYS B 73 3.14 19.16 28.59
CA LYS B 73 4.48 19.65 28.28
C LYS B 73 5.16 18.76 27.24
N VAL B 74 4.51 17.66 26.87
CA VAL B 74 5.10 16.71 25.93
C VAL B 74 4.50 16.91 24.55
N ARG B 75 3.26 17.42 24.50
CA ARG B 75 2.57 17.57 23.23
C ARG B 75 2.56 19.03 22.79
N PRO B 76 2.55 19.28 21.47
CA PRO B 76 2.64 18.30 20.39
C PRO B 76 4.03 17.66 20.41
N LEU B 77 4.15 16.43 19.94
CA LEU B 77 5.46 15.79 19.96
C LEU B 77 6.37 16.55 18.99
N PRO B 78 7.55 17.00 19.46
CA PRO B 78 8.38 17.87 18.60
C PRO B 78 8.98 17.16 17.36
N GLY B 79 9.27 17.93 16.32
CA GLY B 79 9.97 17.41 15.17
C GLY B 79 9.07 16.62 14.25
N ARG B 80 7.78 16.61 14.59
CA ARG B 80 6.77 15.88 13.82
C ARG B 80 5.53 16.72 13.64
N ARG B 81 4.92 16.64 12.46
CA ARG B 81 3.65 17.31 12.22
C ARG B 81 2.54 16.52 12.91
N ASN B 82 1.98 17.05 14.01
CA ASN B 82 0.99 16.28 14.79
C ASN B 82 -0.44 16.48 14.27
N VAL B 83 -1.13 15.37 14.01
CA VAL B 83 -2.50 15.38 13.52
C VAL B 83 -3.35 14.60 14.48
N VAL B 84 -4.48 15.17 14.90
CA VAL B 84 -5.35 14.51 15.88
C VAL B 84 -6.69 14.25 15.20
N LEU B 85 -7.17 13.01 15.28
CA LEU B 85 -8.47 12.61 14.76
C LEU B 85 -9.56 12.76 15.82
N SER B 86 -10.60 13.55 15.55
CA SER B 86 -11.70 13.72 16.50
C SER B 86 -12.96 14.04 15.73
N ARG B 87 -14.12 13.69 16.27
CA ARG B 87 -15.38 14.11 15.66
C ARG B 87 -15.80 15.48 16.20
N GLN B 88 -15.02 16.00 17.14
CA GLN B 88 -15.33 17.29 17.79
C GLN B 88 -14.68 18.45 17.06
N ALA B 89 -15.45 19.22 16.30
CA ALA B 89 -14.86 20.30 15.51
C ALA B 89 -14.16 21.31 16.41
N ASP B 90 -14.65 21.47 17.65
CA ASP B 90 -14.12 22.52 18.50
C ASP B 90 -13.00 22.03 19.42
N PHE B 91 -12.50 20.83 19.17
CA PHE B 91 -11.42 20.31 20.01
C PHE B 91 -10.16 21.18 19.95
N MET B 92 -9.63 21.52 21.12
CA MET B 92 -8.43 22.35 21.19
C MET B 92 -7.20 21.44 21.31
N ALA B 93 -6.35 21.46 20.29
CA ALA B 93 -5.10 20.71 20.31
C ALA B 93 -3.95 21.66 19.96
N SER B 94 -3.45 22.38 20.97
CA SER B 94 -2.43 23.41 20.77
C SER B 94 -1.18 22.88 20.08
N GLY B 95 -0.82 23.49 18.96
CA GLY B 95 0.36 23.13 18.20
C GLY B 95 0.19 21.93 17.31
N ALA B 96 -1.05 21.43 17.20
CA ALA B 96 -1.37 20.33 16.32
C ALA B 96 -2.50 20.75 15.38
N GLU B 97 -2.92 19.84 14.53
CA GLU B 97 -4.07 20.13 13.68
C GLU B 97 -5.08 19.04 13.94
N VAL B 98 -6.36 19.38 13.87
CA VAL B 98 -7.45 18.44 14.13
C VAL B 98 -8.16 18.10 12.81
N VAL B 99 -8.38 16.82 12.55
CA VAL B 99 -9.09 16.39 11.36
C VAL B 99 -10.29 15.56 11.78
N GLY B 100 -11.35 15.62 10.96
CA GLY B 100 -12.60 14.94 11.26
C GLY B 100 -12.79 13.61 10.55
N SER B 101 -11.84 13.24 9.72
CA SER B 101 -11.94 11.99 9.00
C SER B 101 -10.52 11.50 8.75
N LEU B 102 -10.35 10.21 8.64
CA LEU B 102 -9.00 9.68 8.57
C LEU B 102 -8.33 10.09 7.27
N GLU B 103 -9.12 10.19 6.21
CA GLU B 103 -8.61 10.52 4.87
C GLU B 103 -7.79 11.82 4.84
N GLU B 104 -8.27 12.89 5.50
CA GLU B 104 -7.53 14.16 5.51
C GLU B 104 -6.23 14.08 6.27
N ALA B 105 -6.08 13.07 7.11
CA ALA B 105 -4.85 12.93 7.87
C ALA B 105 -3.75 12.23 7.07
N LEU B 106 -4.06 11.70 5.90
CA LEU B 106 -3.08 10.87 5.22
C LEU B 106 -2.60 11.51 3.93
N THR B 107 -2.38 12.82 3.97
CA THR B 107 -2.03 13.57 2.76
C THR B 107 -0.54 13.59 2.47
N SER B 108 0.31 13.43 3.48
CA SER B 108 1.76 13.38 3.26
C SER B 108 2.22 12.09 2.53
N PRO B 109 3.40 12.17 1.92
CA PRO B 109 4.03 10.99 1.30
C PRO B 109 4.26 9.87 2.30
N GLU B 110 4.60 10.23 3.53
CA GLU B 110 4.80 9.25 4.59
C GLU B 110 4.09 9.71 5.87
N THR B 111 3.33 8.83 6.48
CA THR B 111 2.60 9.15 7.71
C THR B 111 2.76 8.01 8.68
N TRP B 112 3.00 8.31 9.95
CA TRP B 112 3.00 7.28 10.99
C TRP B 112 1.80 7.45 11.86
N VAL B 113 1.00 6.40 11.94
CA VAL B 113 -0.15 6.35 12.84
C VAL B 113 0.32 5.83 14.19
N ILE B 114 0.12 6.62 15.24
CA ILE B 114 0.74 6.31 16.51
C ILE B 114 -0.29 5.93 17.58
N GLY B 115 -1.52 5.62 17.18
CA GLY B 115 -2.52 5.10 18.10
C GLY B 115 -3.77 5.96 18.25
N GLY B 116 -4.74 5.53 19.06
CA GLY B 116 -4.69 4.26 19.77
C GLY B 116 -5.48 3.18 19.08
N GLY B 117 -6.15 2.32 19.84
CA GLY B 117 -6.83 1.17 19.29
C GLY B 117 -7.81 1.46 18.16
N GLN B 118 -8.67 2.44 18.38
CA GLN B 118 -9.65 2.79 17.36
C GLN B 118 -9.01 3.27 16.08
N VAL B 119 -7.99 4.09 16.20
CA VAL B 119 -7.35 4.65 15.02
C VAL B 119 -6.50 3.60 14.29
N TYR B 120 -5.92 2.63 15.00
CA TYR B 120 -5.23 1.54 14.29
C TYR B 120 -6.25 0.77 13.44
N ALA B 121 -7.42 0.54 14.00
CA ALA B 121 -8.42 -0.27 13.31
C ALA B 121 -8.90 0.50 12.09
N LEU B 122 -9.00 1.82 12.23
CA LEU B 122 -9.33 2.70 11.11
C LEU B 122 -8.26 2.75 10.02
N ALA B 123 -7.00 2.83 10.44
CA ALA B 123 -5.91 3.11 9.50
C ALA B 123 -5.35 1.85 8.83
N LEU B 124 -5.59 0.70 9.43
CA LEU B 124 -4.97 -0.53 8.92
C LEU B 124 -5.17 -0.76 7.40
N PRO B 125 -6.41 -0.62 6.88
CA PRO B 125 -6.60 -0.89 5.44
C PRO B 125 -5.79 0.01 4.51
N TYR B 126 -5.15 1.05 5.05
CA TYR B 126 -4.33 1.97 4.24
C TYR B 126 -2.83 1.77 4.46
N ALA B 127 -2.50 0.93 5.44
CA ALA B 127 -1.13 0.79 5.91
C ALA B 127 -0.31 -0.19 5.06
N THR B 128 0.98 0.10 4.88
CA THR B 128 1.89 -0.83 4.22
C THR B 128 3.14 -1.20 5.04
N ARG B 129 3.30 -0.58 6.22
CA ARG B 129 4.37 -0.94 7.15
C ARG B 129 3.82 -0.90 8.57
N CYS B 130 4.27 -1.83 9.41
CA CYS B 130 4.04 -1.74 10.83
C CYS B 130 5.36 -1.89 11.55
N GLU B 131 5.57 -1.08 12.58
CA GLU B 131 6.75 -1.18 13.42
C GLU B 131 6.20 -1.53 14.79
N VAL B 132 6.48 -2.74 15.23
CA VAL B 132 5.84 -3.26 16.42
C VAL B 132 6.86 -3.55 17.50
N THR B 133 6.59 -3.11 18.72
CA THR B 133 7.41 -3.52 19.84
C THR B 133 6.63 -4.59 20.55
N GLU B 134 7.19 -5.80 20.66
CA GLU B 134 6.53 -6.84 21.44
C GLU B 134 7.11 -6.86 22.84
N VAL B 135 6.27 -6.60 23.84
CA VAL B 135 6.69 -6.60 25.23
C VAL B 135 6.35 -7.94 25.85
N ASP B 136 7.34 -8.65 26.38
CA ASP B 136 7.14 -10.01 26.87
C ASP B 136 6.49 -9.95 28.24
N ILE B 137 5.22 -9.58 28.29
CA ILE B 137 4.52 -9.45 29.55
C ILE B 137 3.18 -10.12 29.35
N GLY B 138 2.75 -10.90 30.34
CA GLY B 138 1.54 -11.71 30.21
C GLY B 138 0.29 -11.00 30.69
N LEU B 139 -0.21 -10.09 29.87
CA LEU B 139 -1.44 -9.38 30.19
C LEU B 139 -2.59 -9.88 29.34
N PRO B 140 -3.44 -10.77 29.90
CA PRO B 140 -4.61 -11.21 29.14
C PRO B 140 -5.52 -10.06 28.71
N ARG B 141 -6.09 -10.17 27.52
CA ARG B 141 -7.04 -9.18 27.06
CA ARG B 141 -7.04 -9.19 27.05
C ARG B 141 -8.21 -9.10 28.04
N GLU B 142 -8.60 -7.88 28.38
CA GLU B 142 -9.75 -7.64 29.26
C GLU B 142 -10.75 -6.77 28.53
N ALA B 143 -12.02 -6.82 28.93
CA ALA B 143 -13.04 -5.97 28.33
C ALA B 143 -12.61 -4.52 28.42
N GLY B 144 -12.74 -3.78 27.32
CA GLY B 144 -12.39 -2.39 27.33
C GLY B 144 -10.94 -2.03 27.01
N ASP B 145 -10.11 -3.03 26.80
CA ASP B 145 -8.70 -2.80 26.48
C ASP B 145 -8.61 -2.26 25.09
N ALA B 146 -7.61 -1.43 24.85
CA ALA B 146 -7.26 -1.08 23.47
C ALA B 146 -6.33 -2.19 23.00
N LEU B 147 -6.49 -2.60 21.73
CA LEU B 147 -5.71 -3.72 21.20
C LEU B 147 -4.97 -3.35 19.94
N ALA B 148 -3.88 -4.05 19.69
CA ALA B 148 -3.17 -3.95 18.41
C ALA B 148 -4.11 -4.38 17.31
N PRO B 149 -3.93 -3.80 16.12
CA PRO B 149 -4.72 -4.19 14.96
C PRO B 149 -4.34 -5.59 14.50
N VAL B 150 -5.24 -6.21 13.77
CA VAL B 150 -5.06 -7.55 13.30
C VAL B 150 -4.09 -7.60 12.13
N LEU B 151 -3.01 -8.36 12.26
CA LEU B 151 -2.09 -8.57 11.15
C LEU B 151 -2.32 -9.94 10.52
N ASP B 152 -2.84 -9.94 9.30
CA ASP B 152 -3.11 -11.17 8.54
C ASP B 152 -1.91 -11.60 7.70
N GLU B 153 -2.19 -12.40 6.67
CA GLU B 153 -1.13 -13.00 5.86
C GLU B 153 -0.59 -12.05 4.79
N THR B 154 -1.22 -10.90 4.62
CA THR B 154 -0.72 -9.90 3.69
C THR B 154 0.56 -9.23 4.20
N TRP B 155 0.93 -9.52 5.46
CA TRP B 155 2.12 -8.93 6.09
C TRP B 155 3.31 -9.88 6.13
N ARG B 156 4.45 -9.39 5.66
CA ARG B 156 5.72 -10.09 5.80
C ARG B 156 6.49 -9.40 6.91
N GLY B 157 7.01 -10.18 7.85
CA GLY B 157 7.64 -9.60 9.02
C GLY B 157 9.01 -10.17 9.31
N GLU B 158 9.89 -9.29 9.76
CA GLU B 158 11.21 -9.66 10.24
C GLU B 158 11.18 -9.53 11.76
N THR B 159 11.66 -10.55 12.48
CA THR B 159 11.62 -10.51 13.95
C THR B 159 12.97 -10.22 14.57
N GLY B 160 13.04 -9.15 15.36
CA GLY B 160 14.31 -8.81 15.98
C GLY B 160 14.63 -9.70 17.16
N GLU B 161 15.83 -9.52 17.73
CA GLU B 161 16.25 -10.30 18.90
C GLU B 161 15.60 -9.79 20.19
N TRP B 162 15.37 -10.70 21.13
CA TRP B 162 14.93 -10.32 22.46
C TRP B 162 16.01 -9.50 23.12
N ARG B 163 15.61 -8.48 23.84
CA ARG B 163 16.54 -7.69 24.66
C ARG B 163 15.91 -7.45 26.02
N PHE B 164 16.73 -7.35 27.06
CA PHE B 164 16.21 -6.87 28.33
C PHE B 164 16.31 -5.36 28.41
N SER B 165 15.25 -4.70 28.85
CA SER B 165 15.37 -3.30 29.21
C SER B 165 16.21 -3.14 30.47
N ARG B 166 16.63 -1.91 30.78
CA ARG B 166 17.31 -1.65 32.04
C ARG B 166 16.45 -2.08 33.24
N SER B 167 15.14 -2.10 33.08
CA SER B 167 14.27 -2.52 34.20
C SER B 167 14.15 -4.03 34.36
N GLY B 168 14.53 -4.77 33.32
CA GLY B 168 14.44 -6.21 33.32
C GLY B 168 13.30 -6.75 32.46
N LEU B 169 12.49 -5.85 31.93
CA LEU B 169 11.38 -6.21 31.05
C LEU B 169 11.98 -6.60 29.70
N ARG B 170 11.50 -7.70 29.12
CA ARG B 170 12.02 -8.23 27.88
C ARG B 170 11.19 -7.75 26.70
N TYR B 171 11.82 -7.44 25.59
CA TYR B 171 11.06 -6.92 24.44
C TYR B 171 11.80 -7.22 23.15
N ARG B 172 11.09 -7.13 22.03
CA ARG B 172 11.75 -7.27 20.74
C ARG B 172 10.99 -6.48 19.71
N LEU B 173 11.67 -6.16 18.61
CA LEU B 173 11.10 -5.30 17.59
C LEU B 173 10.75 -6.12 16.35
N TYR B 174 9.59 -5.83 15.76
CA TYR B 174 9.21 -6.43 14.48
C TYR B 174 9.08 -5.32 13.45
N SER B 175 9.56 -5.56 12.23
CA SER B 175 9.18 -4.71 11.09
C SER B 175 8.35 -5.54 10.12
N TYR B 176 7.14 -5.08 9.87
CA TYR B 176 6.25 -5.70 8.91
C TYR B 176 6.13 -4.83 7.68
N HIS B 177 6.11 -5.47 6.52
CA HIS B 177 5.92 -4.77 5.27
C HIS B 177 4.78 -5.49 4.59
N ARG B 178 3.97 -4.74 3.88
CA ARG B 178 2.87 -5.32 3.14
C ARG B 178 3.13 -5.06 1.69
N SER B 179 3.55 -6.07 0.95
CA SER B 179 3.87 -5.87 -0.45
C SER B 179 3.31 -7.00 -1.31
PA NAP C . -1.31 -11.88 -23.20
O1A NAP C . -0.02 -11.19 -22.81
O2A NAP C . -2.53 -11.69 -22.39
O5B NAP C . -0.86 -13.44 -23.24
C5B NAP C . -1.78 -14.46 -23.66
C4B NAP C . -1.09 -15.80 -23.43
O4B NAP C . -1.27 -16.01 -22.05
C3B NAP C . -1.82 -16.96 -24.07
O3B NAP C . -1.36 -17.20 -25.39
C2B NAP C . -1.47 -18.11 -23.13
O2B NAP C . -0.09 -18.42 -23.23
C1B NAP C . -1.54 -17.39 -21.80
N9A NAP C . -2.85 -17.48 -21.15
C8A NAP C . -3.93 -16.66 -21.30
N7A NAP C . -4.95 -17.09 -20.52
C5A NAP C . -4.52 -18.18 -19.86
C6A NAP C . -5.09 -19.12 -18.85
N6A NAP C . -6.36 -18.95 -18.41
N1A NAP C . -4.29 -20.12 -18.41
C2A NAP C . -3.02 -20.28 -18.84
N3A NAP C . -2.45 -19.48 -19.76
C4A NAP C . -3.15 -18.44 -20.27
O3 NAP C . -1.51 -11.67 -24.79
PN NAP C . -2.28 -10.49 -25.60
O1N NAP C . -3.69 -10.32 -25.15
O2N NAP C . -1.93 -10.85 -27.04
O5D NAP C . -1.50 -9.13 -25.16
C5D NAP C . -0.14 -8.93 -25.58
C4D NAP C . -0.09 -7.52 -26.21
O4D NAP C . -0.47 -6.52 -25.25
C3D NAP C . 1.29 -7.15 -26.70
O3D NAP C . 1.12 -6.29 -27.84
C2D NAP C . 1.85 -6.32 -25.55
O2D NAP C . 2.81 -5.40 -26.08
C1D NAP C . 0.59 -5.59 -25.10
N1N NAP C . 0.62 -5.07 -23.74
C2N NAP C . 0.26 -3.79 -23.55
C3N NAP C . 0.28 -3.20 -22.29
C7N NAP C . -0.14 -1.77 -22.08
O7N NAP C . -0.36 -1.41 -20.94
N7N NAP C . -0.30 -0.93 -23.12
C4N NAP C . 0.63 -3.99 -21.19
C5N NAP C . 0.96 -5.34 -21.41
C6N NAP C . 0.95 -5.86 -22.70
P2B NAP C . 0.47 -19.65 -24.12
O1X NAP C . 0.11 -19.36 -25.57
O2X NAP C . 1.96 -19.66 -23.91
O3X NAP C . -0.28 -20.86 -23.60
C1 EDO D . 4.34 2.84 -23.14
O1 EDO D . 3.44 3.71 -22.41
C2 EDO D . 5.70 2.76 -22.47
O2 EDO D . 6.63 3.72 -23.02
C01 GWL E . 3.04 -0.32 -19.22
C02 GWL E . 4.24 0.01 -20.16
C03 GWL E . 5.43 0.76 -19.47
C04 GWL E . 2.61 -1.58 -18.94
O05 GWL E . 3.25 -2.72 -19.50
C06 GWL E . 4.30 -3.44 -18.73
C07 GWL E . 4.86 -4.59 -19.73
C08 GWL E . 5.67 -3.95 -20.96
O09 GWL E . 6.56 -2.97 -20.43
C10 GWL E . 7.25 -2.09 -21.32
C11 GWL E . 7.01 -2.13 -22.65
C12 GWL E . 7.64 -1.24 -23.57
C13 GWL E . 8.16 -1.19 -20.69
C14 GWL E . 8.43 -1.10 -19.18
C15 GWL E . 9.24 -2.19 -18.49
C16 GWL E . 10.70 -2.35 -18.94
O17 GWL E . 10.95 -2.56 -20.16
N18 GWL E . 11.85 -2.28 -18.11
C19 GWL E . 8.80 -0.30 -21.59
C20 GWL E . 8.57 -0.30 -22.99
C21 GWL E . 1.52 -1.73 -18.04
N22 GWL E . 0.90 -0.61 -17.53
C23 GWL E . 1.39 0.59 -17.87
N24 GWL E . 0.80 1.82 -17.36
N25 GWL E . 2.45 0.82 -18.69
N26 GWL E . 1.01 -3.00 -17.74
PA NAP F . -7.88 6.46 20.24
O1A NAP F . -7.96 5.56 19.04
O2A NAP F . -6.62 7.13 20.69
O5B NAP F . -8.89 7.68 20.04
C5B NAP F . -10.30 7.48 19.86
C4B NAP F . -10.87 8.85 19.53
O4B NAP F . -10.48 9.17 18.19
C3B NAP F . -12.38 8.85 19.51
O3B NAP F . -12.93 9.07 20.83
C2B NAP F . -12.64 9.97 18.53
O2B NAP F . -12.40 11.19 19.18
C1B NAP F . -11.53 9.81 17.51
N9A NAP F . -12.08 8.96 16.43
C8A NAP F . -12.20 7.62 16.44
N7A NAP F . -12.78 7.18 15.31
C5A NAP F . -13.05 8.27 14.57
C6A NAP F . -13.67 8.52 13.26
N6A NAP F . -14.11 7.49 12.50
N1A NAP F . -13.76 9.82 12.86
C2A NAP F . -13.31 10.86 13.58
N3A NAP F . -12.75 10.69 14.80
C4A NAP F . -12.59 9.44 15.31
O3 NAP F . -8.56 5.79 21.53
PN NAP F . -8.44 4.26 22.10
O1N NAP F . -8.81 3.26 21.04
O2N NAP F . -9.20 4.30 23.40
O5D NAP F . -6.89 4.08 22.42
C5D NAP F . -6.33 4.77 23.53
C4D NAP F . -5.58 3.75 24.38
O4D NAP F . -4.50 3.15 23.64
C3D NAP F . -4.92 4.42 25.58
O3D NAP F . -4.87 3.47 26.64
C2D NAP F . -3.50 4.69 25.14
O2D NAP F . -2.64 4.75 26.28
C1D NAP F . -3.25 3.46 24.27
N1N NAP F . -2.17 3.59 23.31
C2N NAP F . -1.23 2.63 23.28
C3N NAP F . -0.17 2.69 22.38
C7N NAP F . 0.88 1.62 22.37
O7N NAP F . 1.60 1.58 21.39
N7N NAP F . 1.01 0.77 23.39
C4N NAP F . -0.08 3.77 21.47
C5N NAP F . -1.09 4.75 21.51
C6N NAP F . -2.13 4.64 22.44
P2B NAP F . -13.59 12.10 19.78
O1X NAP F . -14.15 11.23 20.89
O2X NAP F . -12.89 13.31 20.33
O3X NAP F . -14.55 12.30 18.64
C1 EDO G . 5.76 2.54 27.83
O1 EDO G . 6.89 3.43 27.94
C2 EDO G . 5.40 2.29 26.35
O2 EDO G . 6.20 1.25 25.78
C01 GWL H . 4.57 3.96 21.98
C02 GWL H . 4.75 4.37 23.42
C03 GWL H . 6.09 5.11 23.68
C04 GWL H . 3.63 4.51 21.18
O05 GWL H . 2.70 5.45 21.69
C06 GWL H . 2.95 6.87 21.36
C07 GWL H . 1.76 7.68 22.08
C08 GWL H . 1.96 7.63 23.65
O09 GWL H . 3.33 8.08 23.90
C10 GWL H . 3.92 7.78 25.18
C11 GWL H . 3.19 7.24 26.19
C12 GWL H . 3.77 6.95 27.46
C13 GWL H . 5.29 8.12 25.28
C14 GWL H . 6.12 8.71 24.13
C15 GWL H . 5.95 10.19 23.76
C16 GWL H . 6.56 11.21 24.69
O17 GWL H . 6.18 11.25 25.90
N18 GWL H . 7.56 12.15 24.33
C19 GWL H . 5.88 7.84 26.53
C20 GWL H . 5.19 7.27 27.62
C21 GWL H . 3.56 4.04 19.84
N22 GWL H . 4.46 3.11 19.39
C23 GWL H . 5.35 2.64 20.25
N24 GWL H . 6.33 1.64 19.81
N25 GWL H . 5.49 3.02 21.58
N26 GWL H . 2.60 4.52 18.92
CL CL I . 11.42 15.19 20.64
#